data_3NWJ
#
_entry.id   3NWJ
#
_cell.length_a   174.378
_cell.length_b   62.249
_cell.length_c   40.732
_cell.angle_alpha   90.00
_cell.angle_beta   90.00
_cell.angle_gamma   90.00
#
_symmetry.space_group_name_H-M   'P 21 21 2'
#
loop_
_entity.id
_entity.type
_entity.pdbx_description
1 polymer AtSK2
2 water water
#
_entity_poly.entity_id   1
_entity_poly.type   'polypeptide(L)'
_entity_poly.pdbx_seq_one_letter_code
;GSHMRLRSVSDKNSSALLETGSLLHSPFDEEQQILKKKAEEVKPYLNGRSMYLVGMMGSGKTTVGKIMARSLGYTFFDCD
TLIEQAMKGTSVAEIFEHFGESVFREKETEALKKLSLMYHQVVVSTGGGAVIRPINWKYMHKGISIWLDVPLEALAHRIA
AVGTGSRPLLHDDESGDTYTAALNRLSTIWDARGEAYTKASARVSLENITLKLGYRSVSDLTPAEIAIEAFEQVQSYLEK
EDGMARPDGL
;
_entity_poly.pdbx_strand_id   A,B
#
# COMPACT_ATOMS: atom_id res chain seq x y z
N GLN A 32 30.37 -0.83 -10.28
CA GLN A 32 30.60 -0.07 -9.00
C GLN A 32 31.45 1.17 -9.28
N GLN A 33 32.53 0.98 -10.00
CA GLN A 33 33.26 2.10 -10.50
C GLN A 33 32.70 2.44 -11.85
N ILE A 34 32.23 1.45 -12.58
CA ILE A 34 31.68 1.76 -13.86
C ILE A 34 30.48 2.61 -13.63
N LEU A 35 29.80 2.38 -12.53
CA LEU A 35 28.60 3.10 -12.20
C LEU A 35 28.91 4.55 -11.95
N LYS A 36 29.82 4.83 -11.02
CA LYS A 36 30.31 6.22 -10.81
C LYS A 36 30.62 6.92 -12.13
N LYS A 37 31.48 6.26 -12.93
CA LYS A 37 31.94 6.76 -14.20
C LYS A 37 30.81 6.93 -15.22
N LYS A 38 29.88 6.00 -15.28
CA LYS A 38 28.79 6.09 -16.27
C LYS A 38 27.75 7.14 -15.88
N ALA A 39 27.63 7.40 -14.57
CA ALA A 39 26.74 8.44 -14.05
C ALA A 39 27.34 9.84 -14.27
N GLU A 40 28.63 10.01 -13.95
CA GLU A 40 29.35 11.27 -14.26
C GLU A 40 29.11 11.65 -15.73
N GLU A 41 29.34 10.71 -16.64
CA GLU A 41 29.12 10.91 -18.09
C GLU A 41 27.72 11.30 -18.55
N VAL A 42 26.68 10.99 -17.78
CA VAL A 42 25.34 11.32 -18.23
C VAL A 42 24.83 12.63 -17.64
N LYS A 43 25.37 13.02 -16.48
CA LYS A 43 24.96 14.27 -15.79
C LYS A 43 24.79 15.47 -16.75
N PRO A 44 25.80 15.71 -17.66
CA PRO A 44 25.75 16.90 -18.53
C PRO A 44 24.64 16.98 -19.60
N TYR A 45 24.06 15.85 -19.99
CA TYR A 45 22.98 15.86 -21.00
C TYR A 45 21.65 15.95 -20.28
N LEU A 46 21.70 15.64 -19.00
CA LEU A 46 20.52 15.50 -18.16
C LEU A 46 19.90 16.85 -17.84
N ASN A 47 20.74 17.84 -17.56
CA ASN A 47 20.27 19.18 -17.25
C ASN A 47 19.20 19.11 -16.15
N GLY A 48 19.47 18.31 -15.11
CA GLY A 48 18.52 18.04 -14.04
C GLY A 48 17.13 17.55 -14.45
N ARG A 49 16.99 17.03 -15.66
CA ARG A 49 15.72 16.40 -16.03
C ARG A 49 15.52 15.13 -15.18
N SER A 50 14.25 14.76 -14.97
CA SER A 50 13.93 13.63 -14.16
C SER A 50 13.86 12.37 -15.00
N MET A 51 14.02 11.22 -14.32
CA MET A 51 13.93 9.89 -14.92
C MET A 51 12.85 9.07 -14.27
N TYR A 52 12.08 8.40 -15.11
CA TYR A 52 10.94 7.58 -14.71
C TYR A 52 11.19 6.13 -15.17
N LEU A 53 11.10 5.19 -14.26
CA LEU A 53 11.25 3.79 -14.62
C LEU A 53 9.88 3.23 -14.75
N VAL A 54 9.60 2.70 -15.94
CA VAL A 54 8.34 2.02 -16.22
C VAL A 54 8.59 0.54 -16.51
N GLY A 55 7.65 -0.32 -16.10
CA GLY A 55 7.69 -1.74 -16.53
C GLY A 55 6.61 -2.55 -15.88
N MET A 56 6.45 -3.80 -16.32
CA MET A 56 5.52 -4.77 -15.72
C MET A 56 5.81 -5.03 -14.25
N MET A 57 4.82 -5.42 -13.47
CA MET A 57 5.13 -5.91 -12.10
C MET A 57 6.29 -6.94 -12.04
N GLY A 58 7.26 -6.65 -11.19
CA GLY A 58 8.32 -7.59 -10.89
C GLY A 58 9.57 -7.24 -11.66
N SER A 59 9.53 -6.11 -12.39
CA SER A 59 10.65 -5.80 -13.32
C SER A 59 11.87 -5.11 -12.65
N GLY A 60 11.84 -4.92 -11.34
CA GLY A 60 13.01 -4.44 -10.58
C GLY A 60 13.22 -2.91 -10.66
N LYS A 61 12.14 -2.19 -11.00
CA LYS A 61 12.16 -0.74 -11.14
C LYS A 61 12.72 -0.08 -9.86
N THR A 62 12.27 -0.56 -8.72
CA THR A 62 12.65 0.09 -7.48
C THR A 62 14.12 -0.03 -7.10
N THR A 63 14.67 -1.24 -7.16
CA THR A 63 16.09 -1.49 -6.86
C THR A 63 17.01 -0.79 -7.91
N VAL A 64 16.63 -0.88 -9.18
CA VAL A 64 17.43 -0.26 -10.21
C VAL A 64 17.40 1.25 -10.06
N GLY A 65 16.21 1.81 -9.92
CA GLY A 65 15.98 3.20 -9.61
C GLY A 65 16.79 3.80 -8.46
N LYS A 66 16.85 3.10 -7.32
CA LYS A 66 17.63 3.60 -6.20
C LYS A 66 19.08 3.64 -6.54
N ILE A 67 19.56 2.63 -7.32
CA ILE A 67 20.95 2.57 -7.65
C ILE A 67 21.29 3.73 -8.60
N MET A 68 20.46 3.91 -9.62
CA MET A 68 20.57 5.06 -10.51
C MET A 68 20.60 6.43 -9.78
N ALA A 69 19.67 6.61 -8.84
CA ALA A 69 19.51 7.84 -8.08
C ALA A 69 20.75 8.11 -7.31
N ARG A 70 21.19 7.12 -6.56
CA ARG A 70 22.38 7.24 -5.77
C ARG A 70 23.65 7.56 -6.58
N SER A 71 23.77 7.03 -7.80
CA SER A 71 24.93 7.29 -8.67
C SER A 71 24.96 8.72 -9.19
N LEU A 72 23.78 9.24 -9.49
CA LEU A 72 23.62 10.61 -9.94
C LEU A 72 23.59 11.58 -8.79
N GLY A 73 23.46 11.11 -7.55
CA GLY A 73 23.27 12.04 -6.42
C GLY A 73 21.86 12.63 -6.49
N TYR A 74 20.94 11.87 -7.09
CA TYR A 74 19.54 12.30 -7.27
C TYR A 74 18.65 11.77 -6.15
N THR A 75 17.50 12.40 -5.94
CA THR A 75 16.52 11.86 -5.00
C THR A 75 15.67 10.77 -5.69
N PHE A 76 15.50 9.64 -5.03
CA PHE A 76 14.70 8.54 -5.56
C PHE A 76 13.33 8.56 -4.92
N PHE A 77 12.28 8.37 -5.72
CA PHE A 77 10.94 8.26 -5.19
C PHE A 77 10.26 7.01 -5.78
N ASP A 78 9.52 6.30 -4.95
CA ASP A 78 8.63 5.22 -5.42
C ASP A 78 7.17 5.74 -5.42
N CYS A 79 6.60 5.82 -6.62
CA CYS A 79 5.25 6.37 -6.80
C CYS A 79 4.26 5.69 -5.88
N ASP A 80 4.15 4.36 -6.00
CA ASP A 80 3.23 3.61 -5.16
C ASP A 80 3.46 3.83 -3.65
N THR A 81 4.70 4.00 -3.24
CA THR A 81 4.95 4.21 -1.83
C THR A 81 4.43 5.56 -1.37
N LEU A 82 4.59 6.56 -2.22
CA LEU A 82 4.09 7.87 -1.93
C LEU A 82 2.58 7.84 -1.81
N ILE A 83 1.89 7.19 -2.73
CA ILE A 83 0.43 7.17 -2.71
C ILE A 83 -0.09 6.51 -1.43
N GLU A 84 0.50 5.36 -1.08
CA GLU A 84 0.23 4.68 0.21
C GLU A 84 0.31 5.67 1.34
N GLN A 85 1.39 6.43 1.38
CA GLN A 85 1.64 7.32 2.50
C GLN A 85 0.76 8.56 2.49
N ALA A 86 0.36 9.04 1.32
CA ALA A 86 -0.56 10.16 1.27
C ALA A 86 -2.00 9.77 1.73
N MET A 87 -2.37 8.48 1.58
CA MET A 87 -3.67 7.94 2.03
C MET A 87 -3.79 8.03 3.57
N LYS A 88 -4.31 9.12 4.12
CA LYS A 88 -4.29 9.31 5.58
C LYS A 88 -5.54 8.68 6.24
N GLY A 89 -5.34 7.58 6.97
CA GLY A 89 -6.41 6.87 7.65
C GLY A 89 -7.18 5.83 6.83
N THR A 90 -6.71 5.53 5.63
CA THR A 90 -7.23 4.37 4.91
C THR A 90 -6.08 3.80 4.10
N SER A 91 -6.30 2.71 3.41
CA SER A 91 -5.19 2.13 2.67
C SER A 91 -5.57 2.03 1.23
N VAL A 92 -4.57 1.71 0.42
CA VAL A 92 -4.76 1.37 -0.98
C VAL A 92 -5.71 0.20 -1.12
N ALA A 93 -5.43 -0.89 -0.43
CA ALA A 93 -6.37 -2.01 -0.37
C ALA A 93 -7.84 -1.58 -0.17
N GLU A 94 -8.11 -0.65 0.77
CA GLU A 94 -9.50 -0.24 0.95
C GLU A 94 -10.00 0.55 -0.28
N ILE A 95 -9.14 1.40 -0.88
CA ILE A 95 -9.54 2.13 -2.09
C ILE A 95 -9.99 1.12 -3.17
N PHE A 96 -9.22 0.05 -3.33
CA PHE A 96 -9.61 -0.99 -4.27
C PHE A 96 -10.90 -1.72 -3.95
N GLU A 97 -11.11 -2.13 -2.71
CA GLU A 97 -12.32 -2.87 -2.42
C GLU A 97 -13.49 -1.94 -2.67
N HIS A 98 -13.40 -0.70 -2.22
CA HIS A 98 -14.58 0.17 -2.22
C HIS A 98 -14.78 0.95 -3.53
N PHE A 99 -13.70 1.44 -4.12
CA PHE A 99 -13.85 2.31 -5.29
C PHE A 99 -13.39 1.70 -6.62
N GLY A 100 -12.58 0.65 -6.53
CA GLY A 100 -11.99 -0.01 -7.70
C GLY A 100 -10.77 0.69 -8.28
N GLU A 101 -10.26 0.11 -9.37
CA GLU A 101 -9.00 0.52 -9.98
C GLU A 101 -8.99 1.97 -10.45
N SER A 102 -10.16 2.47 -10.79
CA SER A 102 -10.33 3.77 -11.40
C SER A 102 -9.95 4.89 -10.46
N VAL A 103 -10.25 4.73 -9.18
CA VAL A 103 -9.89 5.76 -8.20
C VAL A 103 -8.39 5.72 -7.84
N PHE A 104 -7.81 4.54 -7.68
CA PHE A 104 -6.35 4.47 -7.61
C PHE A 104 -5.68 5.17 -8.82
N ARG A 105 -6.20 4.92 -10.01
CA ARG A 105 -5.60 5.51 -11.21
C ARG A 105 -5.49 7.01 -11.14
N GLU A 106 -6.57 7.72 -10.72
CA GLU A 106 -6.47 9.15 -10.43
C GLU A 106 -5.43 9.53 -9.33
N LYS A 107 -5.23 8.70 -8.31
CA LYS A 107 -4.21 8.99 -7.30
C LYS A 107 -2.80 8.92 -7.88
N GLU A 108 -2.55 7.88 -8.68
CA GLU A 108 -1.29 7.71 -9.45
C GLU A 108 -1.04 8.96 -10.36
N THR A 109 -2.08 9.35 -11.08
CA THR A 109 -2.03 10.53 -11.91
C THR A 109 -1.66 11.77 -11.09
N GLU A 110 -2.35 12.00 -9.96
CA GLU A 110 -2.10 13.16 -9.08
C GLU A 110 -0.67 13.11 -8.55
N ALA A 111 -0.24 11.94 -8.07
CA ALA A 111 1.16 11.69 -7.69
C ALA A 111 2.21 12.02 -8.78
N LEU A 112 2.01 11.52 -10.00
CA LEU A 112 2.92 11.79 -11.13
C LEU A 112 2.91 13.26 -11.54
N LYS A 113 1.71 13.84 -11.59
CA LYS A 113 1.57 15.27 -11.89
C LYS A 113 2.44 16.07 -10.91
N LYS A 114 2.28 15.76 -9.64
CA LYS A 114 3.02 16.44 -8.57
C LYS A 114 4.51 16.34 -8.83
N LEU A 115 4.99 15.12 -9.05
CA LEU A 115 6.41 14.86 -9.19
C LEU A 115 7.04 15.58 -10.38
N SER A 116 6.33 15.71 -11.48
CA SER A 116 6.89 16.30 -12.68
C SER A 116 6.87 17.85 -12.69
N LEU A 117 5.81 18.43 -12.17
CA LEU A 117 5.73 19.84 -12.00
C LEU A 117 6.57 20.38 -10.83
N MET A 118 6.71 19.62 -9.77
CA MET A 118 7.36 20.17 -8.58
C MET A 118 8.84 19.75 -8.34
N TYR A 119 9.22 18.54 -8.73
CA TYR A 119 10.59 18.08 -8.49
C TYR A 119 11.38 18.05 -9.77
N HIS A 120 12.68 18.31 -9.64
CA HIS A 120 13.68 18.16 -10.71
C HIS A 120 14.77 17.28 -10.09
N GLN A 121 15.65 16.73 -10.92
CA GLN A 121 16.70 15.81 -10.43
C GLN A 121 16.14 14.67 -9.55
N VAL A 122 15.03 14.07 -9.97
CA VAL A 122 14.58 12.84 -9.28
C VAL A 122 14.59 11.59 -10.16
N VAL A 123 14.76 10.45 -9.51
CA VAL A 123 14.43 9.17 -10.14
C VAL A 123 13.12 8.60 -9.53
N VAL A 124 12.18 8.18 -10.39
CA VAL A 124 10.86 7.73 -10.01
C VAL A 124 10.52 6.39 -10.70
N SER A 125 10.36 5.31 -9.92
CA SER A 125 9.75 4.10 -10.42
C SER A 125 8.29 4.20 -10.19
N THR A 126 7.59 3.75 -11.20
CA THR A 126 6.15 3.81 -11.20
C THR A 126 5.60 2.34 -11.09
N GLY A 127 4.31 2.19 -10.80
CA GLY A 127 3.67 0.87 -10.86
C GLY A 127 3.45 0.47 -12.30
N GLY A 128 3.22 -0.82 -12.51
CA GLY A 128 3.09 -1.37 -13.88
C GLY A 128 1.99 -0.66 -14.66
N GLY A 129 0.93 -0.21 -13.97
CA GLY A 129 -0.19 0.43 -14.63
C GLY A 129 -0.11 1.96 -14.83
N ALA A 130 0.93 2.60 -14.31
CA ALA A 130 1.14 4.01 -14.59
C ALA A 130 1.09 4.35 -16.11
N VAL A 131 1.45 3.39 -16.95
CA VAL A 131 1.60 3.64 -18.42
C VAL A 131 0.28 3.57 -19.21
N ILE A 132 -0.80 3.22 -18.55
CA ILE A 132 -2.09 2.95 -19.19
C ILE A 132 -2.74 4.23 -19.69
N ARG A 133 -2.60 5.32 -18.94
CA ARG A 133 -3.34 6.56 -19.22
C ARG A 133 -2.45 7.54 -19.91
N PRO A 134 -2.93 8.09 -21.04
CA PRO A 134 -2.13 9.05 -21.83
C PRO A 134 -1.79 10.34 -21.05
N ILE A 135 -2.59 10.68 -20.04
CA ILE A 135 -2.25 11.83 -19.21
C ILE A 135 -0.91 11.61 -18.49
N ASN A 136 -0.64 10.41 -18.00
CA ASN A 136 0.65 10.17 -17.34
C ASN A 136 1.87 10.29 -18.23
N TRP A 137 1.70 9.96 -19.52
CA TRP A 137 2.75 10.17 -20.52
C TRP A 137 3.02 11.66 -20.78
N LYS A 138 2.02 12.50 -20.58
CA LYS A 138 2.27 13.91 -20.66
C LYS A 138 3.23 14.37 -19.58
N TYR A 139 3.11 13.88 -18.35
CA TYR A 139 4.02 14.33 -17.32
C TYR A 139 5.36 13.63 -17.45
N MET A 140 5.35 12.31 -17.63
CA MET A 140 6.58 11.55 -17.78
C MET A 140 7.45 11.96 -18.94
N HIS A 141 6.84 12.32 -20.07
CA HIS A 141 7.59 12.86 -21.22
C HIS A 141 8.14 14.26 -21.03
N LYS A 142 7.81 14.94 -19.95
CA LYS A 142 8.64 16.10 -19.59
C LYS A 142 10.04 15.66 -19.17
N GLY A 143 10.26 14.36 -19.01
CA GLY A 143 11.55 13.85 -18.56
C GLY A 143 12.02 12.72 -19.44
N ILE A 144 12.81 11.82 -18.86
CA ILE A 144 13.36 10.67 -19.60
C ILE A 144 12.78 9.44 -18.94
N SER A 145 12.13 8.62 -19.75
CA SER A 145 11.50 7.43 -19.27
C SER A 145 12.27 6.22 -19.72
N ILE A 146 12.43 5.28 -18.79
CA ILE A 146 13.26 4.07 -18.99
C ILE A 146 12.40 2.82 -18.74
N TRP A 147 12.20 2.01 -19.75
CA TRP A 147 11.42 0.81 -19.64
C TRP A 147 12.30 -0.39 -19.39
N LEU A 148 12.06 -1.08 -18.30
CA LEU A 148 12.75 -2.31 -17.97
C LEU A 148 12.00 -3.45 -18.59
N ASP A 149 12.48 -3.89 -19.73
CA ASP A 149 11.81 -4.89 -20.51
C ASP A 149 12.30 -6.23 -20.04
N VAL A 150 11.46 -6.91 -19.32
CA VAL A 150 11.80 -8.19 -18.76
C VAL A 150 10.86 -9.14 -19.39
N PRO A 151 11.37 -10.23 -19.92
CA PRO A 151 10.54 -11.24 -20.55
C PRO A 151 9.58 -11.85 -19.57
N LEU A 152 8.38 -12.09 -20.02
CA LEU A 152 7.29 -12.56 -19.19
C LEU A 152 7.64 -13.79 -18.37
N GLU A 153 8.37 -14.69 -19.01
CA GLU A 153 8.79 -15.95 -18.39
C GLU A 153 9.66 -15.70 -17.15
N ALA A 154 10.57 -14.73 -17.25
CA ALA A 154 11.41 -14.32 -16.13
C ALA A 154 10.59 -13.58 -15.06
N LEU A 155 9.68 -12.71 -15.47
CA LEU A 155 8.77 -12.14 -14.49
C LEU A 155 8.03 -13.23 -13.72
N ALA A 156 7.50 -14.24 -14.42
CA ALA A 156 6.71 -15.28 -13.78
C ALA A 156 7.55 -16.09 -12.83
N HIS A 157 8.82 -16.22 -13.18
CA HIS A 157 9.76 -17.02 -12.39
C HIS A 157 10.20 -16.24 -11.13
N ARG A 158 10.49 -14.94 -11.30
CA ARG A 158 10.73 -14.04 -10.17
C ARG A 158 9.48 -14.04 -9.26
N ILE A 159 8.30 -13.86 -9.84
CA ILE A 159 7.07 -13.86 -9.03
C ILE A 159 6.89 -15.17 -8.27
N ALA A 160 7.09 -16.32 -8.92
CA ALA A 160 6.73 -17.60 -8.28
C ALA A 160 7.73 -18.08 -7.26
N ALA A 161 8.85 -17.36 -7.13
CA ALA A 161 9.88 -17.66 -6.11
C ALA A 161 10.38 -16.40 -5.37
N THR A 178 2.28 -22.93 -10.28
CA THR A 178 2.53 -21.56 -9.77
C THR A 178 3.18 -20.65 -10.81
N TYR A 179 4.30 -21.12 -11.37
CA TYR A 179 4.89 -20.53 -12.55
C TYR A 179 3.90 -20.30 -13.69
N THR A 180 3.14 -21.32 -14.06
CA THR A 180 2.23 -21.16 -15.19
C THR A 180 1.05 -20.26 -14.83
N ALA A 181 0.69 -20.25 -13.55
CA ALA A 181 -0.38 -19.38 -13.06
C ALA A 181 0.04 -17.91 -13.03
N ALA A 182 1.24 -17.60 -12.53
CA ALA A 182 1.78 -16.22 -12.67
C ALA A 182 1.83 -15.78 -14.11
N LEU A 183 2.47 -16.64 -14.92
CA LEU A 183 2.66 -16.43 -16.36
C LEU A 183 1.36 -16.13 -17.11
N ASN A 184 0.30 -16.83 -16.72
CA ASN A 184 -1.01 -16.64 -17.34
C ASN A 184 -1.53 -15.23 -17.07
N ARG A 185 -1.47 -14.85 -15.79
CA ARG A 185 -1.87 -13.50 -15.34
C ARG A 185 -1.05 -12.40 -16.02
N LEU A 186 0.26 -12.56 -16.05
CA LEU A 186 1.12 -11.54 -16.63
C LEU A 186 0.85 -11.48 -18.13
N SER A 187 0.57 -12.63 -18.72
CA SER A 187 0.28 -12.71 -20.13
C SER A 187 -0.98 -11.95 -20.47
N THR A 188 -2.00 -12.09 -19.63
CA THR A 188 -3.23 -11.29 -19.77
C THR A 188 -2.97 -9.78 -19.61
N ILE A 189 -2.14 -9.42 -18.65
CA ILE A 189 -1.84 -8.01 -18.44
C ILE A 189 -1.04 -7.51 -19.61
N TRP A 190 -0.01 -8.27 -20.01
CA TRP A 190 0.82 -7.90 -21.18
C TRP A 190 -0.02 -7.58 -22.42
N ASP A 191 -1.05 -8.38 -22.74
CA ASP A 191 -1.94 -8.10 -23.91
C ASP A 191 -2.65 -6.75 -23.82
N ALA A 192 -2.71 -6.17 -22.63
CA ALA A 192 -3.38 -4.90 -22.45
C ALA A 192 -2.38 -3.72 -22.43
N ARG A 193 -1.26 -3.89 -21.76
CA ARG A 193 -0.37 -2.76 -21.51
C ARG A 193 0.81 -2.76 -22.43
N GLY A 194 1.16 -3.93 -22.97
CA GLY A 194 2.42 -4.11 -23.73
C GLY A 194 2.82 -2.91 -24.55
N GLU A 195 1.93 -2.50 -25.45
CA GLU A 195 2.21 -1.47 -26.42
C GLU A 195 2.65 -0.17 -25.74
N ALA A 196 2.04 0.12 -24.60
CA ALA A 196 2.21 1.36 -23.85
C ALA A 196 3.62 1.58 -23.25
N TYR A 197 4.32 0.50 -22.86
CA TYR A 197 5.71 0.59 -22.39
C TYR A 197 6.64 1.14 -23.49
N THR A 198 6.37 0.74 -24.74
CA THR A 198 7.17 1.21 -25.90
C THR A 198 7.18 2.76 -26.09
N LYS A 199 6.42 3.50 -25.28
CA LYS A 199 6.35 4.96 -25.40
C LYS A 199 7.53 5.59 -24.68
N ALA A 200 8.26 4.79 -23.91
CA ALA A 200 9.36 5.28 -23.08
C ALA A 200 10.50 5.79 -23.89
N SER A 201 11.29 6.69 -23.32
CA SER A 201 12.44 7.26 -24.06
C SER A 201 13.41 6.17 -24.47
N ALA A 202 13.80 5.33 -23.50
CA ALA A 202 14.81 4.26 -23.64
C ALA A 202 14.25 2.96 -23.17
N ARG A 203 14.75 1.88 -23.73
CA ARG A 203 14.32 0.54 -23.39
C ARG A 203 15.55 -0.21 -22.91
N VAL A 204 15.44 -0.92 -21.81
CA VAL A 204 16.57 -1.73 -21.32
C VAL A 204 16.12 -3.17 -21.47
N SER A 205 16.75 -3.92 -22.36
CA SER A 205 16.36 -5.31 -22.52
C SER A 205 17.25 -6.17 -21.63
N LEU A 206 16.60 -6.82 -20.67
CA LEU A 206 17.29 -7.73 -19.75
C LEU A 206 17.72 -8.98 -20.49
N GLU A 207 17.02 -9.31 -21.57
CA GLU A 207 17.44 -10.40 -22.48
C GLU A 207 18.74 -10.03 -23.21
N ASN A 208 18.81 -8.85 -23.78
CA ASN A 208 20.03 -8.43 -24.45
C ASN A 208 21.24 -8.31 -23.53
N ILE A 209 21.03 -7.96 -22.25
CA ILE A 209 22.15 -7.82 -21.32
C ILE A 209 22.75 -9.17 -21.02
N THR A 210 21.91 -10.18 -20.84
CA THR A 210 22.35 -11.53 -20.50
C THR A 210 23.11 -12.20 -21.65
N LEU A 211 22.77 -11.84 -22.87
CA LEU A 211 23.47 -12.37 -24.03
C LEU A 211 24.86 -11.75 -24.10
N LYS A 212 24.91 -10.43 -24.10
CA LYS A 212 26.16 -9.68 -24.17
C LYS A 212 27.13 -10.10 -23.06
N LEU A 213 26.61 -10.38 -21.87
CA LEU A 213 27.46 -10.80 -20.75
C LEU A 213 27.72 -12.30 -20.65
N GLY A 214 27.05 -13.09 -21.49
CA GLY A 214 27.25 -14.54 -21.54
C GLY A 214 26.68 -15.27 -20.33
N TYR A 215 25.71 -14.63 -19.65
CA TYR A 215 24.98 -15.27 -18.54
C TYR A 215 23.92 -16.27 -19.00
N ARG A 216 23.44 -17.06 -18.05
CA ARG A 216 22.57 -18.21 -18.32
C ARG A 216 21.07 -17.87 -18.50
N SER A 217 20.55 -17.05 -17.58
CA SER A 217 19.22 -16.50 -17.65
C SER A 217 19.24 -15.08 -17.11
N VAL A 218 18.19 -14.34 -17.42
CA VAL A 218 18.08 -12.96 -16.90
C VAL A 218 18.15 -12.90 -15.38
N SER A 219 17.97 -14.06 -14.72
CA SER A 219 17.92 -14.17 -13.27
C SER A 219 19.29 -14.07 -12.64
N ASP A 220 20.34 -14.21 -13.45
CA ASP A 220 21.72 -14.05 -12.96
C ASP A 220 22.21 -12.60 -12.96
N LEU A 221 21.51 -11.72 -13.65
CA LEU A 221 21.79 -10.28 -13.63
C LEU A 221 21.67 -9.66 -12.24
N THR A 222 22.58 -8.74 -11.95
CA THR A 222 22.55 -7.95 -10.73
C THR A 222 21.80 -6.64 -10.96
N PRO A 223 21.25 -6.03 -9.88
CA PRO A 223 20.70 -4.70 -10.06
C PRO A 223 21.73 -3.68 -10.57
N ALA A 224 22.99 -3.79 -10.18
CA ALA A 224 24.00 -2.88 -10.71
C ALA A 224 24.20 -3.04 -12.24
N GLU A 225 24.24 -4.28 -12.70
CA GLU A 225 24.43 -4.59 -14.13
C GLU A 225 23.27 -4.09 -14.98
N ILE A 226 22.07 -4.15 -14.41
CA ILE A 226 20.92 -3.54 -15.08
C ILE A 226 20.97 -1.99 -15.11
N ALA A 227 21.42 -1.38 -14.00
CA ALA A 227 21.50 0.08 -13.91
C ALA A 227 22.60 0.62 -14.89
N ILE A 228 23.72 -0.11 -14.99
CA ILE A 228 24.73 0.17 -16.01
C ILE A 228 24.13 0.14 -17.46
N GLU A 229 23.40 -0.90 -17.82
CA GLU A 229 22.70 -0.84 -19.09
C GLU A 229 21.69 0.33 -19.16
N ALA A 230 20.94 0.59 -18.08
CA ALA A 230 19.96 1.71 -18.16
C ALA A 230 20.76 2.96 -18.46
N PHE A 231 21.87 3.13 -17.76
CA PHE A 231 22.72 4.29 -18.03
C PHE A 231 23.13 4.37 -19.48
N GLU A 232 23.54 3.25 -20.10
CA GLU A 232 23.97 3.24 -21.50
C GLU A 232 22.87 3.63 -22.48
N GLN A 233 21.67 3.13 -22.27
CA GLN A 233 20.58 3.47 -23.14
C GLN A 233 20.11 4.89 -22.96
N VAL A 234 20.10 5.37 -21.73
CA VAL A 234 19.72 6.75 -21.49
C VAL A 234 20.69 7.63 -22.25
N GLN A 235 21.95 7.28 -22.18
CA GLN A 235 22.97 8.07 -22.80
C GLN A 235 22.82 8.08 -24.34
N SER A 236 22.50 6.93 -24.90
CA SER A 236 22.31 6.82 -26.35
C SER A 236 21.12 7.67 -26.77
N TYR A 237 20.02 7.63 -26.01
CA TYR A 237 18.84 8.47 -26.28
C TYR A 237 19.16 9.99 -26.26
N LEU A 238 19.97 10.40 -25.30
CA LEU A 238 20.21 11.79 -25.04
C LEU A 238 21.19 12.36 -26.07
N GLU A 239 22.14 11.54 -26.54
CA GLU A 239 23.08 11.90 -27.62
C GLU A 239 22.35 12.21 -28.90
N LYS A 240 21.23 11.52 -29.14
CA LYS A 240 20.43 11.71 -30.35
C LYS A 240 19.23 12.63 -30.10
N GLU A 241 19.32 13.43 -29.04
CA GLU A 241 18.34 14.48 -28.59
C GLU A 241 17.21 13.98 -27.67
N GLN B 32 -7.79 15.23 30.69
CA GLN B 32 -8.81 14.22 30.42
C GLN B 32 -8.18 12.83 30.27
N GLN B 33 -7.75 12.27 31.38
CA GLN B 33 -7.05 10.99 31.37
C GLN B 33 -6.76 10.41 32.76
N ILE B 34 -7.65 9.59 33.29
CA ILE B 34 -8.90 9.25 32.64
C ILE B 34 -8.74 8.14 31.60
N LEU B 35 -8.05 8.39 30.52
CA LEU B 35 -7.65 7.36 29.61
C LEU B 35 -6.72 6.33 30.24
N LYS B 36 -5.81 6.76 31.10
CA LYS B 36 -4.87 5.90 31.78
C LYS B 36 -5.44 5.02 32.84
N LYS B 37 -6.42 5.54 33.55
CA LYS B 37 -7.05 4.80 34.61
C LYS B 37 -7.99 3.77 34.07
N LYS B 38 -8.68 4.09 33.00
CA LYS B 38 -9.43 3.06 32.24
C LYS B 38 -8.54 1.96 31.74
N ALA B 39 -7.37 2.34 31.22
CA ALA B 39 -6.38 1.40 30.78
C ALA B 39 -5.84 0.60 31.98
N GLU B 40 -5.36 1.28 33.03
CA GLU B 40 -4.98 0.61 34.28
C GLU B 40 -6.01 -0.46 34.70
N GLU B 41 -7.31 -0.16 34.62
CA GLU B 41 -8.30 -1.12 35.09
C GLU B 41 -8.60 -2.25 34.11
N VAL B 42 -8.11 -2.13 32.89
CA VAL B 42 -8.37 -3.14 31.90
C VAL B 42 -7.23 -4.18 31.85
N LYS B 43 -6.00 -3.71 32.03
CA LYS B 43 -4.79 -4.55 32.01
C LYS B 43 -4.92 -5.85 32.78
N PRO B 44 -5.38 -5.83 34.06
CA PRO B 44 -5.49 -7.07 34.83
C PRO B 44 -6.21 -8.18 34.06
N TYR B 45 -7.47 -7.95 33.71
CA TYR B 45 -8.25 -8.90 32.94
C TYR B 45 -7.74 -9.16 31.49
N LEU B 46 -7.08 -8.18 30.86
CA LEU B 46 -6.58 -8.35 29.50
C LEU B 46 -5.55 -9.45 29.54
N ASN B 47 -4.66 -9.35 30.52
CA ASN B 47 -3.71 -10.42 30.79
C ASN B 47 -2.73 -10.61 29.60
N GLY B 48 -2.29 -9.47 29.04
CA GLY B 48 -1.26 -9.44 28.01
C GLY B 48 -1.77 -9.69 26.60
N ARG B 49 -3.02 -10.11 26.45
CA ARG B 49 -3.62 -10.24 25.13
C ARG B 49 -3.61 -8.88 24.41
N SER B 50 -3.47 -8.95 23.09
CA SER B 50 -3.48 -7.85 22.17
C SER B 50 -4.89 -7.41 21.84
N MET B 51 -5.06 -6.21 21.29
CA MET B 51 -6.40 -5.76 20.83
C MET B 51 -6.43 -5.47 19.35
N TYR B 52 -7.57 -5.75 18.75
CA TYR B 52 -7.72 -5.56 17.32
C TYR B 52 -8.90 -4.62 17.08
N LEU B 53 -8.75 -3.64 16.19
CA LEU B 53 -9.81 -2.70 15.93
C LEU B 53 -10.27 -2.96 14.51
N VAL B 54 -11.58 -3.22 14.35
CA VAL B 54 -12.14 -3.60 13.09
C VAL B 54 -13.26 -2.64 12.76
N GLY B 55 -13.69 -2.58 11.50
CA GLY B 55 -14.72 -1.58 11.10
C GLY B 55 -14.56 -1.23 9.66
N MET B 56 -15.58 -0.59 9.08
CA MET B 56 -15.54 -0.16 7.65
C MET B 56 -14.46 0.87 7.37
N MET B 57 -14.06 0.99 6.10
CA MET B 57 -13.20 2.06 5.63
C MET B 57 -13.72 3.38 6.18
N GLY B 58 -12.82 4.13 6.79
CA GLY B 58 -13.10 5.52 7.19
C GLY B 58 -13.51 5.60 8.64
N SER B 59 -13.45 4.49 9.34
CA SER B 59 -14.06 4.48 10.68
C SER B 59 -13.04 4.88 11.79
N GLY B 60 -11.84 5.35 11.42
CA GLY B 60 -10.97 6.09 12.42
C GLY B 60 -10.26 5.14 13.38
N LYS B 61 -10.10 3.91 12.92
CA LYS B 61 -9.46 2.87 13.69
C LYS B 61 -8.01 3.22 14.05
N THR B 62 -7.29 3.82 13.10
CA THR B 62 -5.85 4.13 13.33
C THR B 62 -5.64 5.10 14.46
N THR B 63 -6.33 6.23 14.42
CA THR B 63 -6.24 7.25 15.47
C THR B 63 -6.68 6.75 16.84
N VAL B 64 -7.76 5.98 16.88
CA VAL B 64 -8.22 5.48 18.17
C VAL B 64 -7.26 4.39 18.65
N GLY B 65 -6.84 3.56 17.72
CA GLY B 65 -5.80 2.58 18.06
C GLY B 65 -4.53 3.10 18.66
N LYS B 66 -3.96 4.16 18.07
CA LYS B 66 -2.72 4.77 18.63
C LYS B 66 -2.96 5.30 20.07
N ILE B 67 -4.13 5.89 20.30
CA ILE B 67 -4.51 6.47 21.59
C ILE B 67 -4.64 5.36 22.61
N MET B 68 -5.34 4.29 22.23
CA MET B 68 -5.45 3.12 23.10
C MET B 68 -4.11 2.47 23.47
N ALA B 69 -3.29 2.18 22.48
CA ALA B 69 -1.96 1.62 22.69
C ALA B 69 -1.10 2.47 23.65
N ARG B 70 -1.10 3.78 23.43
CA ARG B 70 -0.38 4.75 24.28
C ARG B 70 -0.83 4.69 25.75
N SER B 71 -2.14 4.68 25.98
CA SER B 71 -2.68 4.56 27.35
C SER B 71 -2.33 3.22 28.00
N LEU B 72 -2.27 2.15 27.21
CA LEU B 72 -1.92 0.82 27.71
C LEU B 72 -0.43 0.59 27.86
N GLY B 73 0.39 1.47 27.31
CA GLY B 73 1.83 1.14 27.17
C GLY B 73 2.03 -0.08 26.26
N TYR B 74 1.06 -0.37 25.38
CA TYR B 74 1.18 -1.36 24.29
C TYR B 74 1.79 -0.71 23.05
N THR B 75 2.06 -1.52 22.04
CA THR B 75 2.63 -1.07 20.78
C THR B 75 1.60 -1.09 19.69
N PHE B 76 1.53 -0.03 18.92
CA PHE B 76 0.53 0.09 17.90
C PHE B 76 1.05 -0.33 16.53
N PHE B 77 0.25 -1.11 15.79
CA PHE B 77 0.54 -1.44 14.39
C PHE B 77 -0.73 -1.26 13.58
N ASP B 78 -0.56 -0.79 12.35
CA ASP B 78 -1.59 -0.84 11.34
C ASP B 78 -1.33 -1.99 10.38
N CYS B 79 -2.22 -2.97 10.40
CA CYS B 79 -2.10 -4.18 9.63
C CYS B 79 -1.84 -3.95 8.14
N ASP B 80 -2.63 -3.10 7.49
CA ASP B 80 -2.43 -2.77 6.07
C ASP B 80 -1.08 -2.08 5.75
N THR B 81 -0.61 -1.22 6.65
CA THR B 81 0.75 -0.70 6.62
C THR B 81 1.76 -1.82 6.75
N LEU B 82 1.55 -2.79 7.64
CA LEU B 82 2.47 -3.95 7.69
C LEU B 82 2.52 -4.73 6.40
N ILE B 83 1.38 -4.89 5.76
CA ILE B 83 1.32 -5.63 4.50
C ILE B 83 2.08 -4.93 3.36
N GLU B 84 1.79 -3.63 3.20
CA GLU B 84 2.43 -2.71 2.24
C GLU B 84 3.94 -2.65 2.40
N GLN B 85 4.45 -2.73 3.62
CA GLN B 85 5.90 -2.63 3.86
C GLN B 85 6.58 -3.95 3.55
N ALA B 86 5.87 -5.04 3.77
CA ALA B 86 6.45 -6.35 3.55
C ALA B 86 6.43 -6.77 2.07
N MET B 87 5.69 -6.05 1.23
CA MET B 87 5.76 -6.27 -0.21
C MET B 87 7.09 -5.70 -0.74
N LYS B 88 8.13 -6.50 -0.74
CA LYS B 88 9.41 -6.15 -1.38
C LYS B 88 9.31 -6.16 -2.91
N GLY B 89 9.49 -4.99 -3.52
CA GLY B 89 9.59 -4.89 -4.98
C GLY B 89 8.24 -4.92 -5.70
N THR B 90 7.14 -4.88 -4.96
CA THR B 90 5.81 -4.68 -5.56
C THR B 90 5.05 -3.71 -4.68
N SER B 91 3.74 -3.67 -4.86
CA SER B 91 2.88 -2.81 -4.10
C SER B 91 1.56 -3.52 -4.08
N VAL B 92 0.71 -3.15 -3.13
CA VAL B 92 -0.65 -3.66 -3.03
C VAL B 92 -1.45 -3.33 -4.28
N ALA B 93 -1.37 -2.10 -4.76
CA ALA B 93 -1.95 -1.77 -6.06
C ALA B 93 -1.60 -2.81 -7.11
N GLU B 94 -0.32 -3.20 -7.21
CA GLU B 94 0.14 -4.13 -8.23
C GLU B 94 -0.48 -5.52 -8.08
N ILE B 95 -0.49 -6.04 -6.86
CA ILE B 95 -1.19 -7.30 -6.53
C ILE B 95 -2.65 -7.31 -6.96
N PHE B 96 -3.42 -6.29 -6.62
CA PHE B 96 -4.82 -6.22 -7.05
C PHE B 96 -5.03 -6.22 -8.57
N GLU B 97 -4.25 -5.42 -9.29
CA GLU B 97 -4.35 -5.32 -10.77
C GLU B 97 -3.95 -6.66 -11.39
N HIS B 98 -2.89 -7.27 -10.86
CA HIS B 98 -2.33 -8.47 -11.47
C HIS B 98 -2.94 -9.76 -10.97
N PHE B 99 -3.23 -9.85 -9.68
CA PHE B 99 -3.66 -11.15 -9.11
C PHE B 99 -5.00 -11.17 -8.39
N GLY B 100 -5.61 -10.00 -8.19
CA GLY B 100 -6.92 -9.92 -7.59
C GLY B 100 -6.90 -9.84 -6.08
N GLU B 101 -8.04 -9.42 -5.53
CA GLU B 101 -8.33 -9.30 -4.09
C GLU B 101 -7.94 -10.55 -3.32
N SER B 102 -8.23 -11.70 -3.91
CA SER B 102 -8.05 -13.00 -3.33
C SER B 102 -6.63 -13.27 -2.74
N VAL B 103 -5.63 -12.90 -3.53
CA VAL B 103 -4.25 -12.90 -3.13
C VAL B 103 -3.95 -11.88 -2.01
N PHE B 104 -4.46 -10.69 -2.15
CA PHE B 104 -4.31 -9.73 -1.10
C PHE B 104 -4.88 -10.24 0.20
N ARG B 105 -5.99 -10.95 0.16
CA ARG B 105 -6.61 -11.54 1.33
C ARG B 105 -5.71 -12.55 2.02
N GLU B 106 -5.02 -13.37 1.27
CA GLU B 106 -4.10 -14.33 1.93
C GLU B 106 -2.92 -13.62 2.59
N LYS B 107 -2.44 -12.50 2.02
CA LYS B 107 -1.35 -11.70 2.62
C LYS B 107 -1.81 -10.97 3.89
N GLU B 108 -3.06 -10.55 3.93
CA GLU B 108 -3.72 -10.05 5.09
C GLU B 108 -3.81 -11.14 6.16
N THR B 109 -4.28 -12.34 5.78
CA THR B 109 -4.24 -13.47 6.75
C THR B 109 -2.82 -13.72 7.32
N GLU B 110 -1.80 -13.71 6.46
CA GLU B 110 -0.42 -13.83 6.92
C GLU B 110 -0.05 -12.74 7.93
N ALA B 111 -0.33 -11.47 7.60
CA ALA B 111 0.00 -10.41 8.57
C ALA B 111 -0.70 -10.68 9.91
N LEU B 112 -1.98 -10.99 9.86
CA LEU B 112 -2.77 -11.17 11.10
C LEU B 112 -2.25 -12.37 11.90
N LYS B 113 -1.92 -13.45 11.21
CA LYS B 113 -1.32 -14.61 11.83
C LYS B 113 0.02 -14.27 12.51
N LYS B 114 0.87 -13.54 11.81
CA LYS B 114 2.14 -13.03 12.32
C LYS B 114 1.94 -12.05 13.50
N LEU B 115 0.98 -11.15 13.36
CA LEU B 115 0.70 -10.22 14.47
C LEU B 115 0.26 -10.97 15.70
N SER B 116 -0.54 -12.02 15.53
CA SER B 116 -1.08 -12.72 16.70
C SER B 116 -0.09 -13.72 17.31
N LEU B 117 0.84 -14.27 16.53
CA LEU B 117 1.75 -15.27 17.13
C LEU B 117 3.09 -14.73 17.55
N MET B 118 3.67 -13.84 16.75
CA MET B 118 5.00 -13.32 16.96
C MET B 118 5.05 -12.05 17.82
N TYR B 119 3.95 -11.32 17.96
CA TYR B 119 4.02 -10.08 18.71
C TYR B 119 3.27 -10.21 20.00
N HIS B 120 3.71 -9.42 20.97
CA HIS B 120 3.12 -9.42 22.27
C HIS B 120 2.58 -8.01 22.54
N GLN B 121 1.40 -7.92 23.15
CA GLN B 121 0.89 -6.64 23.64
C GLN B 121 0.82 -5.53 22.60
N VAL B 122 0.10 -5.81 21.52
CA VAL B 122 -0.04 -4.86 20.45
C VAL B 122 -1.50 -4.45 20.40
N VAL B 123 -1.75 -3.23 19.94
CA VAL B 123 -3.08 -2.80 19.46
C VAL B 123 -2.96 -2.68 17.93
N VAL B 124 -3.83 -3.40 17.21
CA VAL B 124 -3.81 -3.46 15.79
C VAL B 124 -5.06 -2.79 15.14
N SER B 125 -4.91 -1.80 14.25
CA SER B 125 -6.04 -1.41 13.38
C SER B 125 -6.01 -2.30 12.15
N THR B 126 -7.17 -2.73 11.66
CA THR B 126 -7.21 -3.68 10.55
C THR B 126 -7.96 -3.03 9.40
N GLY B 127 -7.77 -3.54 8.19
CA GLY B 127 -8.50 -2.96 7.06
C GLY B 127 -9.95 -3.40 7.19
N GLY B 128 -10.84 -2.79 6.41
CA GLY B 128 -12.26 -3.06 6.53
C GLY B 128 -12.57 -4.50 6.14
N GLY B 129 -11.82 -5.02 5.17
CA GLY B 129 -12.05 -6.38 4.69
C GLY B 129 -11.43 -7.56 5.43
N ALA B 130 -10.76 -7.27 6.53
CA ALA B 130 -10.07 -8.30 7.35
C ALA B 130 -11.06 -9.18 8.08
N VAL B 131 -12.30 -8.75 8.20
CA VAL B 131 -13.30 -9.48 8.99
C VAL B 131 -14.03 -10.50 8.12
N ILE B 132 -13.79 -10.44 6.82
CA ILE B 132 -14.53 -11.28 5.85
C ILE B 132 -14.17 -12.75 6.08
N ARG B 133 -12.88 -13.05 6.32
CA ARG B 133 -12.41 -14.47 6.26
C ARG B 133 -12.47 -15.11 7.62
N PRO B 134 -13.23 -16.18 7.73
CA PRO B 134 -13.36 -16.82 9.06
C PRO B 134 -12.00 -17.12 9.73
N ILE B 135 -10.99 -17.46 8.95
CA ILE B 135 -9.69 -17.82 9.53
C ILE B 135 -9.07 -16.63 10.25
N ASN B 136 -9.31 -15.42 9.74
CA ASN B 136 -8.76 -14.22 10.44
C ASN B 136 -9.32 -14.04 11.87
N TRP B 137 -10.54 -14.51 12.07
CA TRP B 137 -11.20 -14.49 13.37
C TRP B 137 -10.56 -15.46 14.32
N LYS B 138 -10.04 -16.57 13.81
CA LYS B 138 -9.30 -17.48 14.68
C LYS B 138 -8.15 -16.66 15.29
N TYR B 139 -7.50 -15.78 14.54
CA TYR B 139 -6.37 -15.06 15.13
C TYR B 139 -6.78 -13.87 15.99
N MET B 140 -7.74 -13.08 15.52
CA MET B 140 -8.23 -11.98 16.34
C MET B 140 -8.83 -12.47 17.64
N HIS B 141 -9.44 -13.64 17.63
CA HIS B 141 -10.11 -14.12 18.85
C HIS B 141 -9.09 -14.64 19.88
N LYS B 142 -7.78 -14.66 19.52
CA LYS B 142 -6.71 -14.86 20.50
C LYS B 142 -6.54 -13.67 21.41
N GLY B 143 -7.04 -12.52 20.96
CA GLY B 143 -7.07 -11.30 21.82
C GLY B 143 -8.46 -10.76 21.96
N ILE B 144 -8.60 -9.44 21.94
CA ILE B 144 -9.88 -8.75 22.21
C ILE B 144 -10.13 -7.88 20.97
N SER B 145 -11.29 -8.01 20.35
CA SER B 145 -11.61 -7.21 19.18
C SER B 145 -12.69 -6.15 19.48
N ILE B 146 -12.61 -5.03 18.78
CA ILE B 146 -13.44 -3.88 19.05
C ILE B 146 -13.89 -3.37 17.74
N TRP B 147 -15.19 -3.37 17.54
CA TRP B 147 -15.75 -2.84 16.31
C TRP B 147 -16.09 -1.34 16.49
N LEU B 148 -15.48 -0.45 15.70
CA LEU B 148 -15.92 0.97 15.72
C LEU B 148 -17.05 1.11 14.69
N ASP B 149 -18.25 1.26 15.21
CA ASP B 149 -19.45 1.21 14.42
C ASP B 149 -19.90 2.67 14.16
N VAL B 150 -19.80 3.06 12.91
CA VAL B 150 -19.98 4.41 12.44
C VAL B 150 -21.07 4.43 11.36
N PRO B 151 -22.11 5.30 11.51
CA PRO B 151 -23.22 5.24 10.55
C PRO B 151 -22.64 5.45 9.15
N LEU B 152 -23.19 4.80 8.15
CA LEU B 152 -22.63 4.89 6.81
C LEU B 152 -22.64 6.33 6.27
N GLU B 153 -23.64 7.11 6.69
CA GLU B 153 -23.79 8.50 6.25
C GLU B 153 -22.60 9.31 6.73
N ALA B 154 -22.18 9.05 7.95
CA ALA B 154 -21.00 9.72 8.46
C ALA B 154 -19.76 9.18 7.67
N LEU B 155 -19.67 7.88 7.41
CA LEU B 155 -18.52 7.38 6.66
C LEU B 155 -18.45 7.98 5.28
N ALA B 156 -19.61 8.19 4.65
CA ALA B 156 -19.68 8.78 3.32
C ALA B 156 -19.25 10.24 3.27
N HIS B 157 -19.58 11.03 4.30
CA HIS B 157 -19.14 12.41 4.33
C HIS B 157 -17.64 12.47 4.48
N ARG B 158 -17.09 11.58 5.29
CA ARG B 158 -15.63 11.55 5.57
C ARG B 158 -14.81 11.39 4.29
N ILE B 159 -15.27 10.53 3.39
CA ILE B 159 -14.60 10.22 2.16
C ILE B 159 -14.63 11.36 1.09
N THR B 178 -21.60 11.95 -5.96
CA THR B 178 -20.62 12.85 -5.33
C THR B 178 -20.34 12.28 -3.92
N TYR B 179 -21.21 12.66 -2.99
CA TYR B 179 -21.34 12.00 -1.68
C TYR B 179 -22.30 10.79 -1.79
N THR B 180 -23.28 10.88 -2.71
CA THR B 180 -24.30 9.83 -2.96
C THR B 180 -23.66 8.55 -3.48
N ALA B 181 -22.58 8.73 -4.24
CA ALA B 181 -21.86 7.65 -4.89
C ALA B 181 -21.13 6.87 -3.84
N ALA B 182 -20.45 7.60 -2.96
CA ALA B 182 -19.76 7.01 -1.81
C ALA B 182 -20.78 6.33 -0.91
N LEU B 183 -21.87 7.02 -0.59
CA LEU B 183 -22.92 6.37 0.18
C LEU B 183 -23.40 5.06 -0.47
N ASN B 184 -23.58 5.04 -1.78
CA ASN B 184 -24.01 3.80 -2.44
C ASN B 184 -22.99 2.64 -2.36
N ARG B 185 -21.75 2.93 -2.75
CA ARG B 185 -20.66 1.96 -2.65
C ARG B 185 -20.51 1.44 -1.23
N LEU B 186 -20.39 2.35 -0.27
CA LEU B 186 -20.31 1.92 1.13
C LEU B 186 -21.43 0.96 1.47
N SER B 187 -22.59 1.23 0.92
CA SER B 187 -23.80 0.52 1.34
C SER B 187 -23.95 -0.88 0.76
N THR B 188 -23.48 -1.08 -0.45
CA THR B 188 -23.42 -2.46 -0.93
C THR B 188 -22.20 -3.17 -0.36
N ILE B 189 -21.15 -2.41 0.03
CA ILE B 189 -20.09 -3.06 0.84
C ILE B 189 -20.59 -3.51 2.22
N TRP B 190 -21.31 -2.63 2.92
CA TRP B 190 -21.93 -2.99 4.18
C TRP B 190 -22.83 -4.22 4.03
N ASP B 191 -23.52 -4.35 2.88
CA ASP B 191 -24.37 -5.51 2.64
C ASP B 191 -23.60 -6.83 2.59
N ALA B 192 -22.47 -6.82 1.91
CA ALA B 192 -21.65 -8.01 1.85
C ALA B 192 -21.00 -8.35 3.20
N ARG B 193 -20.63 -7.36 4.01
CA ARG B 193 -19.65 -7.52 5.12
C ARG B 193 -20.17 -7.30 6.55
N GLY B 194 -21.26 -6.59 6.69
CA GLY B 194 -21.68 -6.10 7.99
C GLY B 194 -21.79 -7.08 9.13
N GLU B 195 -22.23 -8.27 8.81
CA GLU B 195 -22.49 -9.37 9.76
C GLU B 195 -21.19 -9.78 10.43
N ALA B 196 -20.11 -9.78 9.63
CA ALA B 196 -18.79 -10.14 10.11
C ALA B 196 -18.27 -9.22 11.24
N TYR B 197 -18.57 -7.92 11.22
CA TYR B 197 -18.07 -7.05 12.30
C TYR B 197 -18.63 -7.39 13.63
N THR B 198 -19.83 -8.00 13.67
CA THR B 198 -20.51 -8.22 14.97
C THR B 198 -19.86 -9.31 15.81
N LYS B 199 -18.87 -9.99 15.24
CA LYS B 199 -18.21 -11.07 15.89
C LYS B 199 -17.13 -10.56 16.81
N ALA B 200 -16.92 -9.22 16.83
CA ALA B 200 -15.93 -8.60 17.67
C ALA B 200 -16.32 -8.75 19.14
N SER B 201 -15.35 -8.83 20.04
CA SER B 201 -15.63 -8.89 21.47
C SER B 201 -16.50 -7.69 21.93
N ALA B 202 -16.13 -6.52 21.46
CA ALA B 202 -16.84 -5.29 21.91
C ALA B 202 -17.23 -4.45 20.73
N ARG B 203 -18.32 -3.75 20.85
CA ARG B 203 -18.79 -2.81 19.85
C ARG B 203 -18.86 -1.41 20.51
N VAL B 204 -18.27 -0.42 19.85
CA VAL B 204 -18.39 0.99 20.19
C VAL B 204 -19.28 1.68 19.15
N SER B 205 -20.41 2.19 19.58
CA SER B 205 -21.32 2.86 18.73
C SER B 205 -21.09 4.36 18.85
N LEU B 206 -20.68 4.95 17.75
CA LEU B 206 -20.43 6.41 17.74
C LEU B 206 -21.76 7.15 18.06
N GLU B 207 -22.88 6.69 17.50
CA GLU B 207 -24.19 7.28 17.78
C GLU B 207 -24.51 7.31 19.27
N ASN B 208 -24.27 6.19 19.95
CA ASN B 208 -24.50 6.08 21.36
C ASN B 208 -23.62 7.01 22.21
N ILE B 209 -22.35 7.14 21.88
CA ILE B 209 -21.49 8.07 22.60
C ILE B 209 -21.97 9.50 22.37
N THR B 210 -22.31 9.86 21.14
CA THR B 210 -22.75 11.24 20.93
C THR B 210 -24.00 11.60 21.79
N LEU B 211 -24.95 10.65 21.91
CA LEU B 211 -26.14 10.93 22.75
C LEU B 211 -25.78 10.95 24.22
N LYS B 212 -24.88 10.08 24.61
CA LYS B 212 -24.50 10.10 26.00
C LYS B 212 -23.88 11.47 26.34
N LEU B 213 -23.14 12.07 25.42
CA LEU B 213 -22.49 13.33 25.79
C LEU B 213 -23.33 14.58 25.44
N GLY B 214 -24.50 14.43 24.82
CA GLY B 214 -25.35 15.60 24.45
C GLY B 214 -24.85 16.38 23.22
N TYR B 215 -24.02 15.73 22.39
CA TYR B 215 -23.70 16.31 21.10
C TYR B 215 -24.83 16.11 20.11
N ARG B 216 -24.70 16.73 18.96
CA ARG B 216 -25.75 16.71 17.98
C ARG B 216 -25.39 15.81 16.83
N SER B 217 -24.10 15.47 16.70
CA SER B 217 -23.62 14.81 15.54
C SER B 217 -22.42 13.92 15.92
N VAL B 218 -22.26 12.83 15.19
CA VAL B 218 -21.08 11.95 15.30
C VAL B 218 -19.72 12.69 15.01
N SER B 219 -19.76 13.59 14.01
CA SER B 219 -18.74 14.59 13.72
C SER B 219 -18.25 15.36 14.93
N ASP B 220 -19.08 15.58 15.95
CA ASP B 220 -18.62 16.29 17.16
C ASP B 220 -17.64 15.51 18.05
N LEU B 221 -17.59 14.20 17.87
CA LEU B 221 -16.83 13.35 18.70
C LEU B 221 -15.38 13.58 18.36
N THR B 222 -14.59 13.54 19.39
CA THR B 222 -13.17 13.39 19.35
C THR B 222 -12.65 11.89 19.43
N PRO B 223 -11.50 11.61 18.83
CA PRO B 223 -10.91 10.26 18.97
C PRO B 223 -10.66 9.79 20.41
N ALA B 224 -10.22 10.70 21.30
CA ALA B 224 -10.05 10.34 22.72
C ALA B 224 -11.39 9.93 23.39
N GLU B 225 -12.49 10.56 22.99
CA GLU B 225 -13.82 10.27 23.51
C GLU B 225 -14.17 8.89 23.07
N ILE B 226 -13.81 8.55 21.83
CA ILE B 226 -14.19 7.26 21.26
C ILE B 226 -13.29 6.17 21.88
N ALA B 227 -12.05 6.55 22.15
CA ALA B 227 -11.12 5.62 22.81
C ALA B 227 -11.62 5.31 24.23
N ILE B 228 -12.10 6.33 24.93
CA ILE B 228 -12.62 6.15 26.30
C ILE B 228 -13.80 5.18 26.24
N GLU B 229 -14.72 5.41 25.30
CA GLU B 229 -15.83 4.50 25.19
C GLU B 229 -15.34 3.06 24.88
N ALA B 230 -14.32 2.92 24.03
CA ALA B 230 -13.76 1.58 23.74
C ALA B 230 -13.25 0.86 25.00
N PHE B 231 -12.52 1.54 25.89
CA PHE B 231 -12.07 0.92 27.11
C PHE B 231 -13.22 0.49 28.02
N GLU B 232 -14.28 1.29 28.03
CA GLU B 232 -15.46 1.03 28.79
C GLU B 232 -16.14 -0.24 28.25
N GLN B 233 -16.34 -0.27 26.92
CA GLN B 233 -16.83 -1.49 26.23
C GLN B 233 -15.88 -2.69 26.44
N VAL B 234 -14.59 -2.49 26.32
CA VAL B 234 -13.69 -3.60 26.68
C VAL B 234 -13.87 -4.01 28.15
N GLN B 235 -14.08 -3.02 29.03
CA GLN B 235 -14.20 -3.33 30.47
C GLN B 235 -15.39 -4.25 30.66
N SER B 236 -16.53 -3.88 30.06
CA SER B 236 -17.75 -4.66 30.22
C SER B 236 -17.59 -6.07 29.70
N TYR B 237 -16.91 -6.20 28.57
CA TYR B 237 -16.74 -7.51 27.98
C TYR B 237 -15.84 -8.37 28.91
N LEU B 238 -14.70 -7.80 29.29
CA LEU B 238 -13.77 -8.50 30.17
C LEU B 238 -14.46 -8.89 31.45
N GLU B 239 -15.30 -8.00 31.98
CA GLU B 239 -15.90 -8.23 33.28
C GLU B 239 -16.82 -9.46 33.31
N LYS B 240 -17.37 -9.83 32.15
CA LYS B 240 -18.30 -10.93 32.04
C LYS B 240 -17.73 -12.14 31.28
N GLU B 241 -16.47 -12.07 30.86
CA GLU B 241 -15.84 -13.14 30.09
C GLU B 241 -15.82 -14.51 30.82
#